data_6R35
#
_entry.id   6R35
#
_cell.length_a   52.603
_cell.length_b   72.481
_cell.length_c   62.061
_cell.angle_alpha   90.000
_cell.angle_beta   114.620
_cell.angle_gamma   90.000
#
_symmetry.space_group_name_H-M   'P 1 21 1'
#
loop_
_entity.id
_entity.type
_entity.pdbx_description
1 polymer 'Fucose-binding lectin PA-IIL'
2 branched alpha-L-fucopyranose-(1-3)-[beta-D-galactopyranose-(1-4)]2-acetamido-2-deoxy-beta-D-glucopyranose
3 non-polymer 'CALCIUM ION'
4 non-polymer 'SULFATE ION'
5 non-polymer 1,2-ETHANEDIOL
6 water water
#
_entity_poly.entity_id   1
_entity_poly.type   'polypeptide(L)'
_entity_poly.pdbx_seq_one_letter_code
;ATQGVFTLPANTRFGVTAFANSSGTQTVNVLVNNETAATFSGQSTNNAVIGTQVLNSGSSGKVQVQVSVNGRPSDLVSAQ
VILTNELNFALVGSEDGTDNDYNDAVVVINWPLG
;
_entity_poly.pdbx_strand_id   D,A,B,C
#
loop_
_chem_comp.id
_chem_comp.type
_chem_comp.name
_chem_comp.formula
CA non-polymer 'CALCIUM ION' 'Ca 2'
EDO non-polymer 1,2-ETHANEDIOL 'C2 H6 O2'
FUC L-saccharide, alpha linking alpha-L-fucopyranose 'C6 H12 O5'
GAL D-saccharide, beta linking beta-D-galactopyranose 'C6 H12 O6'
NAG D-saccharide, beta linking 2-acetamido-2-deoxy-beta-D-glucopyranose 'C8 H15 N O6'
SO4 non-polymer 'SULFATE ION' 'O4 S -2'
#
# COMPACT_ATOMS: atom_id res chain seq x y z
N ALA A 1 8.72 15.56 1.19
CA ALA A 1 9.05 14.62 2.31
C ALA A 1 10.21 13.68 1.91
N THR A 2 10.99 13.25 2.88
CA THR A 2 11.99 12.19 2.68
C THR A 2 11.35 10.96 2.04
N GLN A 3 12.07 10.35 1.10
CA GLN A 3 11.60 9.09 0.44
C GLN A 3 12.82 8.16 0.34
N GLY A 4 12.53 6.84 0.32
CA GLY A 4 13.60 5.85 0.17
C GLY A 4 14.23 5.50 1.49
N VAL A 5 13.62 5.88 2.62
CA VAL A 5 14.14 5.59 4.00
C VAL A 5 13.11 4.74 4.71
N PHE A 6 13.57 3.61 5.23
CA PHE A 6 12.68 2.65 5.92
C PHE A 6 13.33 2.19 7.22
N THR A 7 12.52 2.01 8.24
CA THR A 7 12.95 1.41 9.54
C THR A 7 12.48 -0.03 9.50
N LEU A 8 13.42 -0.95 9.38
CA LEU A 8 13.12 -2.38 9.47
C LEU A 8 13.30 -2.76 10.95
N PRO A 9 12.84 -3.97 11.31
CA PRO A 9 13.19 -4.59 12.58
C PRO A 9 14.69 -4.76 12.60
N ALA A 10 15.27 -4.61 13.83
CA ALA A 10 16.72 -4.75 14.00
C ALA A 10 17.21 -6.16 13.65
N ASN A 11 18.41 -6.25 13.14
CA ASN A 11 19.20 -7.51 13.01
C ASN A 11 18.39 -8.51 12.16
N THR A 12 17.70 -8.06 11.12
CA THR A 12 16.80 -8.92 10.31
C THR A 12 17.33 -8.94 8.88
N ARG A 13 17.42 -10.11 8.27
N ARG A 13 17.40 -10.11 8.26
CA ARG A 13 17.78 -10.28 6.84
CA ARG A 13 17.79 -10.21 6.85
C ARG A 13 16.65 -9.67 6.00
C ARG A 13 16.65 -9.68 6.00
N PHE A 14 17.01 -9.00 4.92
CA PHE A 14 16.04 -8.50 3.94
C PHE A 14 16.63 -8.69 2.57
N GLY A 15 15.69 -8.80 1.60
CA GLY A 15 16.07 -8.84 0.16
C GLY A 15 15.99 -7.45 -0.40
N VAL A 16 16.91 -7.15 -1.29
CA VAL A 16 16.84 -5.90 -2.10
C VAL A 16 17.10 -6.30 -3.55
N THR A 17 16.23 -5.78 -4.43
CA THR A 17 16.26 -6.11 -5.87
C THR A 17 16.01 -4.82 -6.64
N ALA A 18 16.85 -4.57 -7.62
CA ALA A 18 16.70 -3.37 -8.47
C ALA A 18 16.46 -3.76 -9.93
N PHE A 19 15.60 -2.98 -10.56
CA PHE A 19 15.22 -3.11 -11.97
C PHE A 19 15.54 -1.78 -12.64
N ALA A 20 15.84 -1.84 -13.93
CA ALA A 20 16.09 -0.63 -14.72
C ALA A 20 15.09 -0.52 -15.89
N ASN A 21 14.69 0.73 -16.16
CA ASN A 21 13.78 1.08 -17.28
C ASN A 21 14.15 2.47 -17.75
N SER A 22 15.31 2.59 -18.42
CA SER A 22 15.80 3.93 -18.81
C SER A 22 16.95 3.77 -19.81
N SER A 23 17.12 4.76 -20.69
N SER A 23 17.12 4.77 -20.68
CA SER A 23 18.32 4.80 -21.57
CA SER A 23 18.31 4.86 -21.56
C SER A 23 19.57 5.01 -20.73
C SER A 23 19.58 5.01 -20.72
N GLY A 24 19.49 5.57 -19.53
CA GLY A 24 20.64 5.85 -18.68
C GLY A 24 21.04 4.72 -17.74
N THR A 25 22.35 4.50 -17.56
CA THR A 25 22.88 3.58 -16.53
C THR A 25 22.42 4.07 -15.16
N GLN A 26 21.78 3.18 -14.40
CA GLN A 26 21.30 3.49 -13.04
C GLN A 26 22.33 3.01 -12.03
N THR A 27 22.59 3.84 -11.06
CA THR A 27 23.42 3.49 -9.86
C THR A 27 22.50 3.50 -8.64
N VAL A 28 22.39 2.32 -7.96
CA VAL A 28 21.53 2.16 -6.80
C VAL A 28 22.45 1.90 -5.62
N ASN A 29 22.37 2.75 -4.60
CA ASN A 29 23.12 2.58 -3.35
C ASN A 29 22.10 2.20 -2.27
N VAL A 30 22.46 1.18 -1.50
CA VAL A 30 21.65 0.72 -0.38
C VAL A 30 22.48 0.96 0.87
N LEU A 31 22.01 1.84 1.72
CA LEU A 31 22.69 2.21 3.00
C LEU A 31 22.05 1.48 4.13
N VAL A 32 22.87 0.96 5.04
CA VAL A 32 22.38 0.39 6.32
C VAL A 32 23.12 1.17 7.40
N ASN A 33 22.37 1.76 8.32
CA ASN A 33 22.91 2.63 9.41
C ASN A 33 23.79 3.72 8.79
N ASN A 34 23.36 4.31 7.71
CA ASN A 34 24.02 5.49 7.10
C ASN A 34 25.37 5.12 6.50
N GLU A 35 25.64 3.85 6.20
CA GLU A 35 26.84 3.46 5.46
C GLU A 35 26.40 2.64 4.23
N THR A 36 27.15 2.72 3.16
CA THR A 36 26.88 1.92 1.92
C THR A 36 27.01 0.48 2.24
N ALA A 37 25.97 -0.32 1.99
CA ALA A 37 25.99 -1.78 2.21
C ALA A 37 25.94 -2.53 0.89
N ALA A 38 25.39 -1.96 -0.18
CA ALA A 38 25.36 -2.62 -1.50
C ALA A 38 25.24 -1.50 -2.53
N THR A 39 25.86 -1.72 -3.65
CA THR A 39 25.72 -0.85 -4.83
C THR A 39 25.48 -1.67 -6.07
N PHE A 40 24.43 -1.32 -6.82
CA PHE A 40 24.11 -1.96 -8.08
C PHE A 40 24.28 -0.94 -9.21
N SER A 41 24.62 -1.41 -10.39
CA SER A 41 24.54 -0.54 -11.58
C SER A 41 24.21 -1.34 -12.81
N GLY A 42 23.47 -0.74 -13.74
CA GLY A 42 23.10 -1.43 -14.96
C GLY A 42 22.24 -0.55 -15.81
N GLN A 43 22.02 -0.98 -17.01
CA GLN A 43 21.18 -0.26 -17.96
C GLN A 43 20.25 -1.23 -18.66
N SER A 44 18.98 -0.88 -18.72
CA SER A 44 17.94 -1.65 -19.44
C SER A 44 16.77 -0.75 -19.70
N THR A 45 16.09 -0.91 -20.84
CA THR A 45 14.72 -0.39 -21.09
C THR A 45 13.67 -1.49 -21.00
N ASN A 46 14.00 -2.65 -20.41
N ASN A 46 13.99 -2.65 -20.40
CA ASN A 46 13.15 -3.87 -20.42
CA ASN A 46 13.05 -3.80 -20.38
C ASN A 46 13.10 -4.49 -19.02
C ASN A 46 13.10 -4.48 -19.01
N ASN A 47 13.22 -3.69 -17.96
CA ASN A 47 13.01 -4.17 -16.57
C ASN A 47 14.05 -5.18 -16.14
N ALA A 48 15.25 -5.15 -16.68
CA ALA A 48 16.28 -6.15 -16.29
C ALA A 48 16.59 -5.94 -14.81
N VAL A 49 16.82 -7.06 -14.10
CA VAL A 49 17.40 -7.02 -12.76
C VAL A 49 18.84 -6.59 -12.84
N ILE A 50 19.16 -5.39 -12.33
CA ILE A 50 20.54 -4.89 -12.32
C ILE A 50 21.22 -5.25 -11.02
N GLY A 51 20.45 -5.71 -10.03
CA GLY A 51 21.11 -6.15 -8.80
C GLY A 51 20.16 -6.84 -7.86
N THR A 52 20.66 -7.81 -7.12
CA THR A 52 19.81 -8.45 -6.08
C THR A 52 20.77 -8.94 -4.99
N GLN A 53 20.41 -8.72 -3.73
CA GLN A 53 21.30 -9.06 -2.59
C GLN A 53 20.45 -9.34 -1.37
N VAL A 54 20.97 -10.09 -0.46
CA VAL A 54 20.45 -10.24 0.91
C VAL A 54 21.37 -9.50 1.90
N LEU A 55 20.83 -8.59 2.69
CA LEU A 55 21.56 -7.79 3.68
C LEU A 55 20.91 -7.95 5.03
N ASN A 56 21.65 -7.58 6.05
CA ASN A 56 21.16 -7.50 7.45
C ASN A 56 20.86 -6.06 7.82
N SER A 57 19.71 -5.82 8.41
CA SER A 57 19.20 -4.47 8.71
C SER A 57 20.05 -3.78 9.82
N GLY A 58 20.82 -4.58 10.54
CA GLY A 58 21.78 -4.06 11.55
C GLY A 58 21.04 -3.71 12.83
N SER A 59 21.74 -3.05 13.75
CA SER A 59 21.20 -2.80 15.12
C SER A 59 20.13 -1.71 15.08
N SER A 60 20.19 -0.77 14.13
CA SER A 60 19.24 0.39 14.09
C SER A 60 18.03 0.03 13.20
N GLY A 61 18.23 -0.87 12.25
CA GLY A 61 17.16 -1.19 11.27
C GLY A 61 16.97 -0.08 10.23
N LYS A 62 17.84 0.93 10.21
CA LYS A 62 17.64 2.03 9.22
C LYS A 62 18.22 1.65 7.85
N VAL A 63 17.39 1.64 6.83
CA VAL A 63 17.75 1.25 5.45
C VAL A 63 17.35 2.42 4.55
N GLN A 64 18.28 2.84 3.71
CA GLN A 64 18.01 3.92 2.77
C GLN A 64 18.42 3.46 1.36
N VAL A 65 17.62 3.85 0.40
CA VAL A 65 17.86 3.62 -1.03
C VAL A 65 18.12 4.97 -1.65
N GLN A 66 19.23 5.08 -2.37
CA GLN A 66 19.56 6.27 -3.19
C GLN A 66 19.78 5.83 -4.63
N VAL A 67 19.31 6.64 -5.57
CA VAL A 67 19.50 6.33 -7.01
C VAL A 67 20.14 7.54 -7.69
N SER A 68 21.14 7.31 -8.50
CA SER A 68 21.78 8.36 -9.32
C SER A 68 22.06 7.87 -10.74
N VAL A 69 22.10 8.80 -11.68
CA VAL A 69 22.40 8.52 -13.11
C VAL A 69 23.53 9.51 -13.45
N ASN A 70 24.73 8.99 -13.64
CA ASN A 70 25.94 9.81 -13.96
C ASN A 70 26.13 10.84 -12.83
N GLY A 71 26.00 10.42 -11.57
CA GLY A 71 26.18 11.28 -10.40
C GLY A 71 25.02 12.21 -10.11
N ARG A 72 24.00 12.32 -10.96
CA ARG A 72 22.82 13.20 -10.68
C ARG A 72 21.77 12.39 -9.92
N PRO A 73 21.41 12.79 -8.68
CA PRO A 73 20.38 12.06 -7.91
C PRO A 73 19.03 12.09 -8.61
N SER A 74 18.39 10.93 -8.69
CA SER A 74 17.05 10.81 -9.25
C SER A 74 16.04 11.23 -8.18
N ASP A 75 14.88 11.70 -8.58
CA ASP A 75 13.77 12.03 -7.67
C ASP A 75 13.13 10.71 -7.24
N LEU A 76 12.97 10.50 -5.95
CA LEU A 76 12.46 9.22 -5.46
C LEU A 76 11.02 9.31 -4.98
N VAL A 77 10.32 8.19 -5.10
N VAL A 77 10.31 8.19 -5.11
CA VAL A 77 9.00 7.98 -4.45
CA VAL A 77 8.98 7.98 -4.47
C VAL A 77 9.05 6.63 -3.73
C VAL A 77 9.04 6.63 -3.74
N SER A 78 8.36 6.50 -2.62
CA SER A 78 8.41 5.27 -1.83
C SER A 78 7.21 5.08 -0.96
N ALA A 79 7.05 3.84 -0.50
CA ALA A 79 6.05 3.47 0.51
C ALA A 79 6.36 2.07 1.02
N GLN A 80 5.90 1.78 2.24
CA GLN A 80 5.96 0.42 2.81
C GLN A 80 4.52 -0.13 2.85
N VAL A 81 4.39 -1.40 2.50
N VAL A 81 4.36 -1.39 2.48
CA VAL A 81 3.09 -2.14 2.54
CA VAL A 81 3.05 -2.08 2.63
C VAL A 81 3.30 -3.42 3.34
C VAL A 81 3.27 -3.42 3.33
N ILE A 82 2.34 -3.75 4.20
CA ILE A 82 2.37 -4.99 5.00
C ILE A 82 1.09 -5.76 4.70
N LEU A 83 1.26 -7.01 4.36
CA LEU A 83 0.18 -7.96 4.05
C LEU A 83 0.11 -8.98 5.17
N THR A 84 -1.15 -9.25 5.58
CA THR A 84 -1.57 -10.21 6.65
C THR A 84 -0.74 -10.01 7.88
N ASN A 85 -0.32 -8.76 8.16
CA ASN A 85 0.41 -8.42 9.39
C ASN A 85 1.74 -9.15 9.46
N GLU A 86 2.30 -9.67 8.35
CA GLU A 86 3.52 -10.50 8.39
C GLU A 86 4.53 -10.05 7.31
N LEU A 87 4.05 -9.86 6.08
CA LEU A 87 4.88 -9.78 4.89
C LEU A 87 5.05 -8.32 4.53
N ASN A 88 6.29 -7.87 4.50
CA ASN A 88 6.67 -6.45 4.32
C ASN A 88 7.31 -6.21 2.97
N PHE A 89 6.88 -5.14 2.31
CA PHE A 89 7.50 -4.61 1.09
C PHE A 89 7.85 -3.15 1.33
N ALA A 90 9.09 -2.80 1.03
CA ALA A 90 9.48 -1.39 0.95
C ALA A 90 9.77 -1.12 -0.51
N LEU A 91 9.07 -0.15 -1.10
CA LEU A 91 9.06 0.02 -2.58
C LEU A 91 9.63 1.38 -2.88
N VAL A 92 10.49 1.45 -3.87
CA VAL A 92 11.04 2.74 -4.35
C VAL A 92 10.90 2.79 -5.87
N GLY A 93 10.43 3.92 -6.33
CA GLY A 93 10.63 4.32 -7.73
C GLY A 93 11.53 5.52 -7.84
N SER A 94 11.93 5.84 -9.06
CA SER A 94 12.92 6.91 -9.25
C SER A 94 12.75 7.46 -10.66
N GLU A 95 12.93 8.79 -10.75
CA GLU A 95 12.79 9.50 -12.03
C GLU A 95 14.10 10.27 -12.35
N ASP A 96 14.74 9.88 -13.45
CA ASP A 96 16.06 10.43 -13.85
C ASP A 96 15.86 11.51 -14.92
N GLY A 97 14.63 11.80 -15.34
CA GLY A 97 14.40 12.69 -16.51
C GLY A 97 13.16 13.52 -16.34
N THR A 98 12.33 13.63 -17.37
CA THR A 98 11.17 14.52 -17.37
C THR A 98 9.88 13.81 -17.69
N ASP A 99 9.86 12.52 -18.07
CA ASP A 99 8.60 11.90 -18.48
C ASP A 99 7.76 11.49 -17.25
N ASN A 100 8.36 11.41 -16.06
CA ASN A 100 7.65 11.09 -14.79
C ASN A 100 7.00 9.72 -14.86
N ASP A 101 7.67 8.74 -15.46
CA ASP A 101 7.18 7.33 -15.33
C ASP A 101 7.68 6.76 -14.00
N TYR A 102 8.72 7.32 -13.38
CA TYR A 102 9.19 6.92 -12.03
C TYR A 102 9.60 5.43 -11.98
N ASN A 103 9.97 4.88 -13.14
CA ASN A 103 10.37 3.45 -13.22
C ASN A 103 11.85 3.32 -13.61
N ASP A 104 12.62 4.39 -13.58
CA ASP A 104 13.93 4.42 -14.26
C ASP A 104 14.90 3.50 -13.55
N ALA A 105 14.86 3.53 -12.22
CA ALA A 105 15.26 2.41 -11.34
C ALA A 105 14.09 2.14 -10.41
N VAL A 106 13.73 0.88 -10.29
CA VAL A 106 12.69 0.40 -9.35
C VAL A 106 13.37 -0.49 -8.35
N VAL A 107 13.14 -0.26 -7.07
CA VAL A 107 13.81 -1.07 -6.01
C VAL A 107 12.74 -1.66 -5.10
N VAL A 108 12.86 -2.98 -4.90
CA VAL A 108 11.93 -3.70 -3.99
C VAL A 108 12.76 -4.28 -2.87
N ILE A 109 12.34 -3.97 -1.68
CA ILE A 109 12.91 -4.56 -0.45
C ILE A 109 11.81 -5.43 0.12
N ASN A 110 12.17 -6.66 0.58
CA ASN A 110 11.15 -7.54 1.18
C ASN A 110 11.73 -8.25 2.40
N TRP A 111 10.92 -8.38 3.43
CA TRP A 111 11.26 -9.14 4.63
C TRP A 111 9.98 -9.62 5.25
N PRO A 112 10.01 -10.60 6.20
CA PRO A 112 11.18 -11.41 6.47
C PRO A 112 11.50 -12.41 5.38
N LEU A 113 12.71 -13.01 5.54
CA LEU A 113 13.20 -14.05 4.62
C LEU A 113 13.15 -15.41 5.30
N GLY A 114 13.50 -16.47 4.57
CA GLY A 114 13.68 -17.80 5.20
C GLY A 114 12.39 -18.64 5.25
N ALA B 1 -5.83 -16.17 4.18
CA ALA B 1 -4.96 -15.47 5.17
C ALA B 1 -5.85 -14.68 6.12
N THR B 2 -5.41 -14.59 7.34
CA THR B 2 -6.03 -13.74 8.37
C THR B 2 -6.04 -12.29 7.88
N GLN B 3 -7.14 -11.60 8.12
CA GLN B 3 -7.24 -10.17 7.74
C GLN B 3 -7.82 -9.41 8.93
N GLY B 4 -7.58 -8.11 8.98
CA GLY B 4 -8.10 -7.20 9.99
C GLY B 4 -7.37 -7.27 11.31
N VAL B 5 -6.17 -7.81 11.30
CA VAL B 5 -5.30 -7.90 12.51
C VAL B 5 -4.03 -7.11 12.28
N PHE B 6 -3.73 -6.17 13.19
CA PHE B 6 -2.55 -5.33 13.01
C PHE B 6 -1.75 -5.26 14.30
N THR B 7 -0.41 -5.22 14.22
CA THR B 7 0.45 -4.96 15.36
C THR B 7 0.88 -3.50 15.31
N LEU B 8 0.39 -2.70 16.20
CA LEU B 8 0.83 -1.30 16.35
C LEU B 8 1.99 -1.26 17.34
N PRO B 9 2.71 -0.14 17.39
CA PRO B 9 3.66 0.14 18.49
C PRO B 9 2.88 0.09 19.80
N ALA B 10 3.52 -0.42 20.86
CA ALA B 10 2.87 -0.52 22.19
C ALA B 10 2.48 0.87 22.69
N ASN B 11 1.39 0.93 23.47
CA ASN B 11 1.02 2.12 24.28
C ASN B 11 0.92 3.36 23.40
N THR B 12 0.33 3.20 22.22
CA THR B 12 0.24 4.29 21.23
C THR B 12 -1.24 4.56 20.90
N ARG B 13 -1.62 5.83 20.95
N ARG B 13 -1.61 5.83 20.96
CA ARG B 13 -2.99 6.23 20.62
CA ARG B 13 -2.96 6.33 20.61
C ARG B 13 -3.15 6.14 19.10
C ARG B 13 -3.15 6.13 19.10
N PHE B 14 -4.32 5.66 18.69
CA PHE B 14 -4.65 5.55 17.27
C PHE B 14 -6.08 5.94 17.07
N GLY B 15 -6.37 6.42 15.84
CA GLY B 15 -7.74 6.71 15.42
C GLY B 15 -8.34 5.50 14.75
N VAL B 16 -9.65 5.27 14.99
CA VAL B 16 -10.39 4.23 14.24
C VAL B 16 -11.70 4.86 13.79
N THR B 17 -11.97 4.77 12.51
CA THR B 17 -13.15 5.41 11.88
C THR B 17 -13.76 4.42 10.90
N ALA B 18 -15.09 4.28 10.97
CA ALA B 18 -15.80 3.36 10.07
C ALA B 18 -16.84 4.12 9.25
N PHE B 19 -16.99 3.64 8.02
CA PHE B 19 -17.96 4.12 7.00
C PHE B 19 -18.80 2.94 6.56
N ALA B 20 -20.06 3.20 6.16
CA ALA B 20 -20.97 2.13 5.70
C ALA B 20 -21.41 2.35 4.25
N ASN B 21 -21.55 1.27 3.50
CA ASN B 21 -22.02 1.30 2.08
C ASN B 21 -22.79 -0.05 1.84
N SER B 22 -23.95 -0.18 2.43
CA SER B 22 -24.75 -1.43 2.36
C SER B 22 -26.16 -1.18 2.87
N SER B 23 -27.11 -1.98 2.38
N SER B 23 -27.10 -2.00 2.39
CA SER B 23 -28.49 -1.99 2.91
CA SER B 23 -28.48 -2.04 2.91
C SER B 23 -28.48 -2.50 4.35
C SER B 23 -28.47 -2.51 4.35
N GLY B 24 -27.50 -3.37 4.71
CA GLY B 24 -27.39 -3.97 6.05
C GLY B 24 -26.79 -3.03 7.12
N THR B 25 -27.33 -3.07 8.35
CA THR B 25 -26.70 -2.39 9.50
C THR B 25 -25.37 -3.07 9.79
N GLN B 26 -24.29 -2.32 9.78
CA GLN B 26 -22.93 -2.83 10.00
C GLN B 26 -22.62 -2.70 11.49
N THR B 27 -22.04 -3.74 12.06
CA THR B 27 -21.45 -3.69 13.41
C THR B 27 -19.95 -3.91 13.32
N VAL B 28 -19.20 -2.92 13.75
CA VAL B 28 -17.72 -2.91 13.74
C VAL B 28 -17.26 -3.03 15.16
N ASN B 29 -16.54 -4.11 15.46
CA ASN B 29 -15.92 -4.31 16.78
C ASN B 29 -14.42 -4.13 16.65
N VAL B 30 -13.84 -3.33 17.54
CA VAL B 30 -12.39 -3.13 17.56
C VAL B 30 -11.86 -3.72 18.85
N LEU B 31 -10.99 -4.73 18.71
CA LEU B 31 -10.47 -5.43 19.92
C LEU B 31 -9.05 -4.95 20.10
N VAL B 32 -8.64 -4.75 21.37
CA VAL B 32 -7.25 -4.40 21.72
C VAL B 32 -6.82 -5.45 22.74
N ASN B 33 -5.73 -6.15 22.44
CA ASN B 33 -5.27 -7.30 23.25
C ASN B 33 -6.44 -8.28 23.47
N ASN B 34 -7.21 -8.55 22.43
CA ASN B 34 -8.25 -9.60 22.43
C ASN B 34 -9.43 -9.18 23.28
N GLU B 35 -9.58 -7.92 23.67
CA GLU B 35 -10.77 -7.47 24.44
C GLU B 35 -11.48 -6.39 23.62
N THR B 36 -12.80 -6.38 23.61
CA THR B 36 -13.59 -5.34 22.89
C THR B 36 -13.23 -3.97 23.47
N ALA B 37 -12.81 -3.04 22.62
CA ALA B 37 -12.42 -1.70 23.08
C ALA B 37 -13.37 -0.65 22.46
N ALA B 38 -14.02 -0.92 21.33
CA ALA B 38 -15.02 -0.01 20.71
C ALA B 38 -15.94 -0.87 19.86
N THR B 39 -17.18 -0.42 19.76
CA THR B 39 -18.18 -1.00 18.87
C THR B 39 -18.89 0.15 18.18
N PHE B 40 -18.95 0.10 16.86
CA PHE B 40 -19.74 1.05 16.09
C PHE B 40 -20.84 0.28 15.41
N SER B 41 -22.00 0.92 15.24
N SER B 41 -21.99 0.91 15.25
CA SER B 41 -23.06 0.31 14.41
CA SER B 41 -23.11 0.31 14.48
C SER B 41 -23.83 1.40 13.70
C SER B 41 -23.81 1.42 13.69
N GLY B 42 -24.26 1.11 12.49
CA GLY B 42 -24.95 2.11 11.67
C GLY B 42 -25.26 1.53 10.30
N GLN B 43 -26.10 2.23 9.57
CA GLN B 43 -26.49 1.80 8.23
C GLN B 43 -26.40 3.03 7.33
N SER B 44 -25.76 2.86 6.20
CA SER B 44 -25.68 3.87 5.11
C SER B 44 -25.36 3.17 3.79
N THR B 45 -25.86 3.67 2.67
CA THR B 45 -25.39 3.36 1.30
C THR B 45 -24.62 4.53 0.72
N ASN B 46 -24.24 5.52 1.54
N ASN B 46 -24.24 5.53 1.52
CA ASN B 46 -23.61 6.80 1.06
CA ASN B 46 -23.52 6.71 0.98
C ASN B 46 -22.33 7.12 1.86
C ASN B 46 -22.34 7.11 1.86
N ASN B 47 -21.63 6.10 2.34
CA ASN B 47 -20.32 6.27 2.99
C ASN B 47 -20.42 7.04 4.29
N ALA B 48 -21.57 7.07 4.97
CA ALA B 48 -21.65 7.83 6.24
C ALA B 48 -20.67 7.24 7.24
N VAL B 49 -20.09 8.11 8.04
CA VAL B 49 -19.30 7.74 9.25
C VAL B 49 -20.26 7.12 10.28
N ILE B 50 -20.09 5.86 10.58
CA ILE B 50 -20.92 5.16 11.59
C ILE B 50 -20.20 5.18 12.94
N GLY B 51 -18.96 5.61 12.97
CA GLY B 51 -18.28 5.79 14.26
C GLY B 51 -16.85 6.26 14.10
N THR B 52 -16.36 6.98 15.10
CA THR B 52 -14.93 7.40 15.14
C THR B 52 -14.54 7.52 16.61
N GLN B 53 -13.30 7.15 16.90
CA GLN B 53 -12.87 7.04 18.30
C GLN B 53 -11.36 7.04 18.30
N VAL B 54 -10.78 7.42 19.43
CA VAL B 54 -9.32 7.28 19.65
C VAL B 54 -9.14 6.24 20.75
N LEU B 55 -8.32 5.23 20.49
CA LEU B 55 -8.01 4.15 21.40
C LEU B 55 -6.51 4.12 21.68
N ASN B 56 -6.11 3.34 22.66
CA ASN B 56 -4.68 3.11 22.98
C ASN B 56 -4.35 1.66 22.72
N SER B 57 -3.24 1.39 22.04
CA SER B 57 -2.87 0.04 21.58
C SER B 57 -2.48 -0.84 22.76
N GLY B 58 -2.16 -0.23 23.90
CA GLY B 58 -1.88 -1.01 25.15
C GLY B 58 -0.56 -1.76 25.05
N SER B 59 -0.29 -2.68 25.97
CA SER B 59 1.07 -3.26 26.11
C SER B 59 1.41 -4.17 24.96
N SER B 60 0.43 -4.80 24.30
CA SER B 60 0.67 -5.80 23.22
C SER B 60 0.75 -5.10 21.86
N GLY B 61 0.05 -3.99 21.69
CA GLY B 61 -0.13 -3.33 20.38
C GLY B 61 -1.01 -4.08 19.44
N LYS B 62 -1.62 -5.18 19.84
CA LYS B 62 -2.44 -6.02 18.96
C LYS B 62 -3.86 -5.42 18.80
N VAL B 63 -4.22 -5.03 17.58
CA VAL B 63 -5.54 -4.45 17.25
C VAL B 63 -6.22 -5.34 16.21
N GLN B 64 -7.47 -5.66 16.45
CA GLN B 64 -8.23 -6.47 15.50
C GLN B 64 -9.57 -5.82 15.21
N VAL B 65 -9.93 -5.81 13.93
CA VAL B 65 -11.24 -5.28 13.46
C VAL B 65 -12.07 -6.50 13.05
N GLN B 66 -13.30 -6.56 13.57
CA GLN B 66 -14.30 -7.54 13.09
C GLN B 66 -15.53 -6.79 12.63
N VAL B 67 -16.15 -7.30 11.59
CA VAL B 67 -17.37 -6.68 11.04
C VAL B 67 -18.43 -7.76 10.91
N SER B 68 -19.62 -7.47 11.35
CA SER B 68 -20.76 -8.40 11.21
C SER B 68 -22.02 -7.64 10.88
N VAL B 69 -22.94 -8.33 10.23
CA VAL B 69 -24.25 -7.75 9.86
C VAL B 69 -25.28 -8.71 10.46
N ASN B 70 -25.95 -8.26 11.52
CA ASN B 70 -26.91 -9.12 12.29
C ASN B 70 -26.21 -10.40 12.74
N GLY B 71 -24.98 -10.32 13.26
CA GLY B 71 -24.25 -11.48 13.82
C GLY B 71 -23.62 -12.33 12.72
N ARG B 72 -23.86 -12.06 11.41
CA ARG B 72 -23.17 -12.80 10.33
C ARG B 72 -21.82 -12.15 10.05
N PRO B 73 -20.70 -12.83 10.31
CA PRO B 73 -19.36 -12.24 10.08
C PRO B 73 -19.18 -11.92 8.59
N SER B 74 -18.72 -10.72 8.30
CA SER B 74 -18.37 -10.31 6.94
C SER B 74 -17.00 -10.85 6.62
N ASP B 75 -16.74 -11.07 5.32
CA ASP B 75 -15.40 -11.44 4.86
C ASP B 75 -14.56 -10.16 4.82
N LEU B 76 -13.34 -10.19 5.30
CA LEU B 76 -12.52 -8.97 5.37
C LEU B 76 -11.39 -8.98 4.37
N VAL B 77 -10.96 -7.78 3.97
N VAL B 77 -10.96 -7.78 3.96
CA VAL B 77 -9.67 -7.56 3.26
CA VAL B 77 -9.67 -7.56 3.26
C VAL B 77 -8.95 -6.44 4.02
C VAL B 77 -8.95 -6.45 4.03
N SER B 78 -7.63 -6.50 4.06
CA SER B 78 -6.89 -5.52 4.87
C SER B 78 -5.45 -5.40 4.37
N ALA B 79 -4.86 -4.27 4.78
CA ALA B 79 -3.42 -4.01 4.56
C ALA B 79 -3.03 -2.86 5.47
N GLN B 80 -1.72 -2.73 5.66
CA GLN B 80 -1.12 -1.58 6.35
C GLN B 80 -0.23 -0.90 5.32
N VAL B 81 -0.27 0.42 5.30
N VAL B 81 -0.33 0.43 5.25
CA VAL B 81 0.54 1.28 4.41
CA VAL B 81 0.57 1.26 4.40
C VAL B 81 1.23 2.33 5.25
C VAL B 81 1.23 2.33 5.24
N ILE B 82 2.52 2.56 4.98
CA ILE B 82 3.31 3.58 5.73
C ILE B 82 3.89 4.51 4.71
N LEU B 83 3.64 5.79 4.91
CA LEU B 83 4.16 6.88 4.06
C LEU B 83 5.24 7.64 4.83
N THR B 84 6.29 7.99 4.10
CA THR B 84 7.52 8.69 4.53
C THR B 84 7.98 8.11 5.87
N ASN B 85 7.88 6.77 6.01
CA ASN B 85 8.44 6.06 7.17
C ASN B 85 7.84 6.57 8.47
N GLU B 86 6.67 7.20 8.47
CA GLU B 86 6.14 7.87 9.68
C GLU B 86 4.63 7.67 9.82
N LEU B 87 3.88 7.84 8.74
CA LEU B 87 2.41 7.92 8.82
C LEU B 87 1.82 6.56 8.43
N ASN B 88 1.08 5.95 9.35
CA ASN B 88 0.57 4.58 9.24
C ASN B 88 -0.94 4.62 9.01
N PHE B 89 -1.38 3.80 8.09
CA PHE B 89 -2.78 3.46 7.85
C PHE B 89 -2.96 1.97 7.92
N ALA B 90 -3.94 1.53 8.68
CA ALA B 90 -4.37 0.12 8.71
C ALA B 90 -5.77 0.12 8.16
N LEU B 91 -5.97 -0.55 7.05
CA LEU B 91 -7.16 -0.41 6.22
C LEU B 91 -7.93 -1.72 6.17
N VAL B 92 -9.24 -1.61 6.33
CA VAL B 92 -10.10 -2.81 6.25
C VAL B 92 -11.28 -2.55 5.35
N GLY B 93 -11.51 -3.47 4.46
CA GLY B 93 -12.79 -3.54 3.73
C GLY B 93 -13.57 -4.76 4.15
N SER B 94 -14.82 -4.86 3.79
CA SER B 94 -15.63 -6.00 4.28
C SER B 94 -16.78 -6.26 3.29
N GLU B 95 -17.15 -7.56 3.16
CA GLU B 95 -18.23 -7.97 2.26
C GLU B 95 -19.32 -8.75 3.03
N ASP B 96 -20.54 -8.23 2.99
CA ASP B 96 -21.69 -8.83 3.71
C ASP B 96 -22.62 -9.59 2.76
N GLY B 97 -22.36 -9.59 1.47
CA GLY B 97 -23.31 -10.15 0.48
C GLY B 97 -22.64 -10.89 -0.64
N THR B 98 -23.06 -10.60 -1.87
CA THR B 98 -22.65 -11.41 -3.04
C THR B 98 -21.95 -10.56 -4.10
N ASP B 99 -21.95 -9.25 -4.05
CA ASP B 99 -21.47 -8.42 -5.18
C ASP B 99 -19.95 -8.21 -5.07
N ASN B 100 -19.34 -8.50 -3.92
CA ASN B 100 -17.85 -8.42 -3.76
C ASN B 100 -17.34 -7.01 -4.06
N ASP B 101 -18.08 -5.97 -3.62
CA ASP B 101 -17.53 -4.61 -3.65
C ASP B 101 -16.66 -4.37 -2.42
N TYR B 102 -16.78 -5.17 -1.35
CA TYR B 102 -15.88 -5.08 -0.14
C TYR B 102 -15.88 -3.68 0.44
N ASN B 103 -16.97 -2.91 0.27
CA ASN B 103 -17.07 -1.56 0.86
C ASN B 103 -18.18 -1.49 1.94
N ASP B 104 -18.74 -2.62 2.35
CA ASP B 104 -20.03 -2.62 3.08
C ASP B 104 -19.83 -1.98 4.44
N ALA B 105 -18.70 -2.30 5.09
CA ALA B 105 -18.10 -1.44 6.12
C ALA B 105 -16.65 -1.26 5.72
N VAL B 106 -16.21 0.00 5.73
CA VAL B 106 -14.80 0.36 5.48
C VAL B 106 -14.25 0.94 6.76
N VAL B 107 -13.09 0.42 7.19
CA VAL B 107 -12.50 0.90 8.47
C VAL B 107 -11.10 1.41 8.22
N VAL B 108 -10.82 2.62 8.71
CA VAL B 108 -9.48 3.21 8.64
C VAL B 108 -8.98 3.42 10.05
N ILE B 109 -7.79 2.89 10.29
CA ILE B 109 -7.03 3.11 11.51
C ILE B 109 -5.82 3.94 11.09
N ASN B 110 -5.54 4.99 11.84
CA ASN B 110 -4.36 5.84 11.52
C ASN B 110 -3.60 6.19 12.80
N TRP B 111 -2.29 6.24 12.69
CA TRP B 111 -1.39 6.69 13.77
C TRP B 111 -0.08 7.16 13.12
N PRO B 112 0.77 7.96 13.81
CA PRO B 112 0.47 8.52 15.12
C PRO B 112 -0.58 9.62 15.06
N LEU B 113 -1.12 9.98 16.23
CA LEU B 113 -2.00 11.16 16.39
C LEU B 113 -1.23 12.30 17.07
N GLY B 114 -1.88 13.44 17.16
CA GLY B 114 -1.40 14.61 17.89
C GLY B 114 -0.53 15.52 17.08
N ALA C 1 8.43 14.46 -6.39
CA ALA C 1 7.34 13.96 -7.20
C ALA C 1 6.03 14.64 -6.80
N THR C 2 5.11 14.76 -7.73
CA THR C 2 3.76 15.29 -7.40
C THR C 2 3.11 14.36 -6.38
N GLN C 3 2.43 14.92 -5.41
CA GLN C 3 1.69 14.11 -4.41
C GLN C 3 0.29 14.70 -4.27
N GLY C 4 -0.66 13.92 -3.83
CA GLY C 4 -2.06 14.30 -3.61
C GLY C 4 -2.85 14.39 -4.90
N VAL C 5 -2.37 13.79 -6.00
CA VAL C 5 -3.11 13.77 -7.28
C VAL C 5 -3.43 12.32 -7.61
N PHE C 6 -4.70 12.04 -7.86
CA PHE C 6 -5.14 10.68 -8.14
C PHE C 6 -6.05 10.68 -9.37
N THR C 7 -5.87 9.70 -10.23
CA THR C 7 -6.79 9.43 -11.33
C THR C 7 -7.80 8.38 -10.89
N LEU C 8 -9.04 8.77 -10.69
CA LEU C 8 -10.14 7.85 -10.42
C LEU C 8 -10.78 7.47 -11.74
N PRO C 9 -11.58 6.40 -11.74
CA PRO C 9 -12.46 6.12 -12.88
C PRO C 9 -13.37 7.32 -13.10
N ALA C 10 -13.66 7.62 -14.37
CA ALA C 10 -14.48 8.80 -14.71
C ALA C 10 -15.89 8.64 -14.13
N ASN C 11 -16.52 9.78 -13.79
CA ASN C 11 -17.99 9.86 -13.46
C ASN C 11 -18.32 8.90 -12.33
N THR C 12 -17.44 8.83 -11.32
CA THR C 12 -17.62 7.86 -10.22
C THR C 12 -17.76 8.61 -8.88
N ARG C 13 -18.71 8.22 -8.07
CA ARG C 13 -18.88 8.80 -6.72
C ARG C 13 -17.73 8.26 -5.83
N PHE C 14 -17.16 9.11 -5.00
CA PHE C 14 -16.10 8.72 -4.06
C PHE C 14 -16.35 9.47 -2.77
N GLY C 15 -15.84 8.92 -1.67
CA GLY C 15 -15.83 9.60 -0.39
C GLY C 15 -14.49 10.28 -0.16
N VAL C 16 -14.54 11.44 0.43
CA VAL C 16 -13.32 12.13 0.90
C VAL C 16 -13.57 12.57 2.35
N THR C 17 -12.59 12.27 3.21
CA THR C 17 -12.68 12.53 4.65
C THR C 17 -11.32 13.00 5.15
N ALA C 18 -11.34 14.04 5.95
CA ALA C 18 -10.15 14.63 6.54
C ALA C 18 -10.14 14.61 8.08
N PHE C 19 -8.96 14.35 8.59
CA PHE C 19 -8.64 14.24 10.02
C PHE C 19 -7.57 15.27 10.36
N ALA C 20 -7.68 15.91 11.53
CA ALA C 20 -6.64 16.88 11.95
C ALA C 20 -5.87 16.42 13.19
N ASN C 21 -4.56 16.69 13.18
CA ASN C 21 -3.65 16.36 14.30
C ASN C 21 -2.57 17.44 14.38
N SER C 22 -2.93 18.63 14.80
CA SER C 22 -1.97 19.76 14.80
C SER C 22 -2.53 20.93 15.63
N SER C 23 -1.62 21.71 16.20
N SER C 23 -1.63 21.70 16.21
CA SER C 23 -2.02 22.97 16.89
CA SER C 23 -1.98 22.99 16.87
C SER C 23 -2.54 23.96 15.85
C SER C 23 -2.57 23.95 15.84
N GLY C 24 -2.16 23.83 14.57
CA GLY C 24 -2.60 24.77 13.51
C GLY C 24 -3.94 24.40 12.89
N THR C 25 -4.80 25.39 12.61
CA THR C 25 -6.05 25.15 11.88
C THR C 25 -5.72 24.64 10.47
N GLN C 26 -6.22 23.49 10.12
CA GLN C 26 -6.04 22.88 8.78
C GLN C 26 -7.13 23.36 7.83
N THR C 27 -6.73 23.64 6.60
CA THR C 27 -7.64 23.83 5.47
C THR C 27 -7.31 22.80 4.41
N VAL C 28 -8.27 21.97 4.09
CA VAL C 28 -8.16 20.91 3.04
C VAL C 28 -9.06 21.31 1.88
N ASN C 29 -8.47 21.43 0.71
CA ASN C 29 -9.17 21.67 -0.55
C ASN C 29 -9.13 20.43 -1.41
N VAL C 30 -10.28 20.06 -1.97
CA VAL C 30 -10.40 18.89 -2.83
C VAL C 30 -10.83 19.41 -4.20
N LEU C 31 -9.95 19.25 -5.18
CA LEU C 31 -10.23 19.74 -6.55
C LEU C 31 -10.66 18.56 -7.41
N VAL C 32 -11.62 18.77 -8.28
CA VAL C 32 -12.06 17.80 -9.28
C VAL C 32 -11.97 18.51 -10.64
N ASN C 33 -11.24 17.92 -11.55
CA ASN C 33 -10.85 18.53 -12.86
C ASN C 33 -10.40 19.98 -12.64
N ASN C 34 -9.52 20.16 -11.68
CA ASN C 34 -8.83 21.44 -11.45
C ASN C 34 -9.78 22.51 -10.92
N GLU C 35 -10.96 22.17 -10.40
CA GLU C 35 -11.81 23.19 -9.75
C GLU C 35 -12.11 22.72 -8.32
N THR C 36 -12.10 23.63 -7.37
CA THR C 36 -12.49 23.35 -5.98
C THR C 36 -13.87 22.72 -5.92
N ALA C 37 -13.97 21.53 -5.34
CA ALA C 37 -15.21 20.77 -5.19
C ALA C 37 -15.59 20.64 -3.70
N ALA C 38 -14.67 20.71 -2.78
CA ALA C 38 -14.92 20.60 -1.33
C ALA C 38 -13.79 21.24 -0.56
N THR C 39 -14.11 21.86 0.56
CA THR C 39 -13.15 22.53 1.49
C THR C 39 -13.51 22.15 2.92
N PHE C 40 -12.56 21.61 3.64
CA PHE C 40 -12.77 21.23 5.04
C PHE C 40 -11.80 21.99 5.89
N SER C 41 -12.17 22.25 7.14
CA SER C 41 -11.32 23.06 8.02
C SER C 41 -11.62 22.67 9.46
N GLY C 42 -10.60 22.70 10.31
CA GLY C 42 -10.76 22.44 11.73
C GLY C 42 -9.45 22.48 12.43
N GLN C 43 -9.50 22.35 13.75
CA GLN C 43 -8.27 22.36 14.55
C GLN C 43 -8.41 21.35 15.69
N SER C 44 -7.60 20.31 15.68
CA SER C 44 -7.64 19.18 16.60
C SER C 44 -6.26 18.60 16.74
N THR C 45 -5.89 18.16 17.96
CA THR C 45 -4.73 17.28 18.15
C THR C 45 -5.18 15.88 18.53
N ASN C 46 -6.42 15.50 18.17
CA ASN C 46 -6.97 14.18 18.53
C ASN C 46 -7.79 13.60 17.40
N ASN C 47 -7.37 13.86 16.16
CA ASN C 47 -7.86 13.12 14.97
C ASN C 47 -9.31 13.45 14.70
N ALA C 48 -9.77 14.66 15.02
CA ALA C 48 -11.17 15.02 14.67
C ALA C 48 -11.40 14.88 13.17
N VAL C 49 -12.56 14.38 12.82
CA VAL C 49 -13.06 14.32 11.45
C VAL C 49 -13.62 15.67 11.08
N ILE C 50 -12.76 16.49 10.46
CA ILE C 50 -13.12 17.92 10.24
C ILE C 50 -14.03 18.03 9.02
N GLY C 51 -14.05 17.00 8.19
CA GLY C 51 -14.96 16.97 7.05
C GLY C 51 -15.04 15.63 6.44
N THR C 52 -16.22 15.35 5.87
CA THR C 52 -16.46 14.13 5.09
C THR C 52 -17.56 14.49 4.08
N GLN C 53 -17.41 14.05 2.85
CA GLN C 53 -18.34 14.41 1.75
C GLN C 53 -18.25 13.35 0.66
N VAL C 54 -19.32 13.23 -0.11
CA VAL C 54 -19.33 12.38 -1.33
C VAL C 54 -19.30 13.30 -2.56
N LEU C 55 -18.34 13.08 -3.42
CA LEU C 55 -18.09 13.87 -4.64
C LEU C 55 -18.18 12.94 -5.84
N ASN C 56 -18.20 13.53 -7.02
CA ASN C 56 -18.14 12.79 -8.28
C ASN C 56 -16.84 13.13 -8.99
N SER C 57 -16.16 12.12 -9.51
CA SER C 57 -14.81 12.30 -10.12
C SER C 57 -14.89 13.04 -11.47
N GLY C 58 -16.09 13.12 -12.05
CA GLY C 58 -16.31 13.92 -13.27
C GLY C 58 -15.67 13.27 -14.51
N SER C 59 -15.65 13.94 -15.65
CA SER C 59 -15.33 13.28 -16.93
C SER C 59 -13.83 12.95 -16.99
N SER C 60 -12.97 13.71 -16.29
CA SER C 60 -11.49 13.52 -16.33
C SER C 60 -11.06 12.44 -15.31
N GLY C 61 -11.79 12.32 -14.20
CA GLY C 61 -11.39 11.43 -13.09
C GLY C 61 -10.26 12.02 -12.28
N LYS C 62 -9.83 13.24 -12.56
CA LYS C 62 -8.64 13.80 -11.85
C LYS C 62 -9.09 14.41 -10.52
N VAL C 63 -8.56 13.90 -9.38
CA VAL C 63 -8.85 14.46 -8.06
C VAL C 63 -7.53 14.89 -7.44
N GLN C 64 -7.50 16.09 -6.89
CA GLN C 64 -6.30 16.62 -6.22
C GLN C 64 -6.68 17.09 -4.81
N VAL C 65 -5.84 16.77 -3.86
CA VAL C 65 -5.95 17.19 -2.44
C VAL C 65 -4.84 18.22 -2.20
N GLN C 66 -5.20 19.39 -1.67
CA GLN C 66 -4.23 20.41 -1.22
C GLN C 66 -4.51 20.75 0.24
N VAL C 67 -3.47 21.00 1.00
CA VAL C 67 -3.61 21.34 2.43
C VAL C 67 -2.84 22.61 2.70
N SER C 68 -3.43 23.53 3.48
CA SER C 68 -2.69 24.72 3.96
C SER C 68 -3.08 25.08 5.38
N VAL C 69 -2.18 25.78 6.04
CA VAL C 69 -2.34 26.19 7.44
C VAL C 69 -2.01 27.69 7.46
N ASN C 70 -3.02 28.50 7.73
CA ASN C 70 -2.98 29.99 7.65
C ASN C 70 -2.25 30.43 6.37
N GLY C 71 -2.72 29.91 5.25
CA GLY C 71 -2.31 30.33 3.90
C GLY C 71 -1.01 29.66 3.47
N ARG C 72 -0.29 28.95 4.34
CA ARG C 72 1.01 28.31 3.97
C ARG C 72 0.75 26.86 3.53
N PRO C 73 1.09 26.50 2.27
CA PRO C 73 0.90 25.12 1.80
C PRO C 73 1.69 24.12 2.61
N SER C 74 1.07 23.02 3.00
CA SER C 74 1.75 21.96 3.76
C SER C 74 2.44 21.03 2.76
N ASP C 75 3.49 20.37 3.18
CA ASP C 75 4.18 19.35 2.34
C ASP C 75 3.35 18.06 2.33
N LEU C 76 3.09 17.48 1.17
CA LEU C 76 2.20 16.31 1.11
C LEU C 76 2.97 15.03 0.84
N VAL C 77 2.38 13.92 1.28
N VAL C 77 2.37 13.93 1.26
CA VAL C 77 2.81 12.55 0.91
CA VAL C 77 2.82 12.57 0.89
C VAL C 77 1.54 11.79 0.55
C VAL C 77 1.55 11.79 0.56
N SER C 78 1.62 10.88 -0.41
CA SER C 78 0.43 10.16 -0.84
C SER C 78 0.75 8.81 -1.46
N ALA C 79 -0.27 7.99 -1.55
CA ALA C 79 -0.27 6.73 -2.32
C ALA C 79 -1.70 6.28 -2.53
N GLN C 80 -1.88 5.34 -3.46
CA GLN C 80 -3.18 4.65 -3.65
C GLN C 80 -2.93 3.18 -3.36
N VAL C 81 -3.86 2.53 -2.65
N VAL C 81 -3.87 2.54 -2.64
CA VAL C 81 -3.81 1.06 -2.46
CA VAL C 81 -3.87 1.09 -2.40
C VAL C 81 -5.16 0.45 -2.90
C VAL C 81 -5.17 0.48 -2.92
N ILE C 82 -5.08 -0.72 -3.50
CA ILE C 82 -6.23 -1.46 -3.98
C ILE C 82 -6.21 -2.85 -3.36
N LEU C 83 -7.33 -3.18 -2.72
CA LEU C 83 -7.51 -4.47 -2.06
C LEU C 83 -8.49 -5.31 -2.84
N THR C 84 -8.17 -6.60 -3.01
CA THR C 84 -8.94 -7.61 -3.74
C THR C 84 -9.33 -7.08 -5.10
N ASN C 85 -8.44 -6.30 -5.72
CA ASN C 85 -8.64 -5.83 -7.11
C ASN C 85 -9.95 -5.00 -7.21
N GLU C 86 -10.48 -4.45 -6.14
CA GLU C 86 -11.82 -3.80 -6.19
C GLU C 86 -11.86 -2.55 -5.35
N LEU C 87 -11.40 -2.61 -4.12
CA LEU C 87 -11.59 -1.57 -3.10
C LEU C 87 -10.38 -0.62 -3.10
N ASN C 88 -10.65 0.64 -3.37
CA ASN C 88 -9.60 1.67 -3.55
C ASN C 88 -9.54 2.68 -2.43
N PHE C 89 -8.33 2.93 -1.98
CA PHE C 89 -8.05 4.03 -1.05
C PHE C 89 -6.98 4.92 -1.65
N ALA C 90 -7.24 6.23 -1.68
CA ALA C 90 -6.19 7.20 -2.01
C ALA C 90 -5.90 7.95 -0.73
N LEU C 91 -4.63 7.99 -0.34
CA LEU C 91 -4.23 8.38 1.03
C LEU C 91 -3.32 9.58 0.95
N VAL C 92 -3.56 10.56 1.81
CA VAL C 92 -2.67 11.74 1.84
C VAL C 92 -2.33 12.08 3.29
N GLY C 93 -1.07 12.38 3.52
CA GLY C 93 -0.61 12.94 4.77
C GLY C 93 0.00 14.30 4.50
N SER C 94 0.13 15.12 5.52
CA SER C 94 0.65 16.50 5.30
C SER C 94 1.40 16.98 6.52
N GLU C 95 2.38 17.86 6.27
CA GLU C 95 3.27 18.39 7.32
C GLU C 95 3.26 19.93 7.27
N ASP C 96 2.89 20.54 8.41
CA ASP C 96 2.76 21.99 8.53
C ASP C 96 3.89 22.58 9.35
N GLY C 97 4.81 21.80 9.85
CA GLY C 97 5.81 22.23 10.84
C GLY C 97 7.16 21.56 10.67
N THR C 98 7.77 21.13 11.77
CA THR C 98 9.18 20.65 11.75
C THR C 98 9.32 19.25 12.30
N ASP C 99 8.29 18.66 12.92
CA ASP C 99 8.44 17.34 13.57
C ASP C 99 8.32 16.20 12.54
N ASN C 100 7.79 16.42 11.35
CA ASN C 100 7.69 15.39 10.28
C ASN C 100 6.88 14.18 10.79
N ASP C 101 5.77 14.41 11.52
CA ASP C 101 4.81 13.32 11.77
C ASP C 101 3.88 13.15 10.57
N TYR C 102 3.72 14.16 9.70
CA TYR C 102 2.93 14.05 8.45
C TYR C 102 1.48 13.69 8.73
N ASN C 103 0.98 13.97 9.93
CA ASN C 103 -0.43 13.62 10.28
C ASN C 103 -1.27 14.92 10.46
N ASP C 104 -0.74 16.09 10.09
CA ASP C 104 -1.30 17.36 10.59
C ASP C 104 -2.68 17.56 10.00
N ALA C 105 -2.81 17.23 8.72
CA ALA C 105 -4.10 16.85 8.08
C ALA C 105 -3.85 15.53 7.37
N VAL C 106 -4.72 14.56 7.61
CA VAL C 106 -4.74 13.24 6.93
C VAL C 106 -6.03 13.16 6.13
N VAL C 107 -5.92 12.84 4.86
CA VAL C 107 -7.09 12.72 3.97
C VAL C 107 -7.17 11.30 3.40
N VAL C 108 -8.35 10.74 3.46
CA VAL C 108 -8.66 9.42 2.90
C VAL C 108 -9.77 9.59 1.88
N ILE C 109 -9.46 9.12 0.67
CA ILE C 109 -10.46 9.01 -0.40
C ILE C 109 -10.75 7.53 -0.59
N ASN C 110 -12.01 7.16 -0.69
CA ASN C 110 -12.40 5.73 -0.87
C ASN C 110 -13.46 5.58 -1.97
N TRP C 111 -13.28 4.58 -2.79
CA TRP C 111 -14.32 4.18 -3.75
C TRP C 111 -14.15 2.69 -4.04
N PRO C 112 -15.14 1.98 -4.58
CA PRO C 112 -16.50 2.50 -4.86
C PRO C 112 -17.31 2.67 -3.58
N LEU C 113 -18.41 3.40 -3.69
CA LEU C 113 -19.42 3.62 -2.68
C LEU C 113 -20.70 2.83 -3.02
N GLY C 114 -21.63 2.82 -2.05
CA GLY C 114 -22.97 2.24 -2.27
C GLY C 114 -23.05 0.77 -1.93
N ALA D 1 -11.70 -13.36 0.44
CA ALA D 1 -11.70 -12.56 -0.86
C ALA D 1 -10.69 -13.17 -1.83
N THR D 2 -10.95 -13.03 -3.12
CA THR D 2 -9.99 -13.50 -4.14
C THR D 2 -8.65 -12.74 -3.95
N GLN D 3 -7.58 -13.44 -4.13
CA GLN D 3 -6.23 -12.83 -4.02
C GLN D 3 -5.41 -13.26 -5.24
N GLY D 4 -4.42 -12.43 -5.63
CA GLY D 4 -3.48 -12.73 -6.70
C GLY D 4 -4.05 -12.48 -8.06
N VAL D 5 -5.11 -11.70 -8.13
CA VAL D 5 -5.75 -11.31 -9.42
C VAL D 5 -5.72 -9.81 -9.55
N PHE D 6 -5.23 -9.30 -10.67
CA PHE D 6 -5.07 -7.85 -10.86
C PHE D 6 -5.54 -7.49 -12.26
N THR D 7 -6.25 -6.37 -12.37
CA THR D 7 -6.61 -5.83 -13.69
C THR D 7 -5.57 -4.77 -14.06
N LEU D 8 -4.77 -5.04 -15.05
CA LEU D 8 -3.82 -4.05 -15.58
C LEU D 8 -4.51 -3.32 -16.72
N PRO D 9 -3.93 -2.17 -17.14
CA PRO D 9 -4.32 -1.56 -18.42
C PRO D 9 -4.08 -2.55 -19.54
N ALA D 10 -4.96 -2.55 -20.54
CA ALA D 10 -4.86 -3.44 -21.69
C ALA D 10 -3.55 -3.22 -22.44
N ASN D 11 -3.04 -4.31 -23.02
CA ASN D 11 -1.94 -4.28 -24.03
C ASN D 11 -0.73 -3.56 -23.45
N THR D 12 -0.40 -3.82 -22.18
CA THR D 12 0.67 -3.10 -21.48
C THR D 12 1.73 -4.09 -21.02
N ARG D 13 3.00 -3.78 -21.27
N ARG D 13 2.99 -3.73 -21.22
CA ARG D 13 4.10 -4.64 -20.83
CA ARG D 13 4.15 -4.54 -20.80
C ARG D 13 4.24 -4.48 -19.33
C ARG D 13 4.24 -4.45 -19.29
N PHE D 14 4.50 -5.59 -18.65
CA PHE D 14 4.75 -5.55 -17.20
C PHE D 14 5.85 -6.52 -16.86
N GLY D 15 6.50 -6.27 -15.73
CA GLY D 15 7.50 -7.23 -15.20
C GLY D 15 6.84 -8.07 -14.13
N VAL D 16 7.25 -9.32 -14.04
CA VAL D 16 6.87 -10.22 -12.95
C VAL D 16 8.12 -10.92 -12.47
N THR D 17 8.31 -10.94 -11.16
CA THR D 17 9.53 -11.50 -10.53
C THR D 17 9.13 -12.28 -9.29
N ALA D 18 9.66 -13.49 -9.16
CA ALA D 18 9.33 -14.36 -8.02
C ALA D 18 10.58 -14.68 -7.20
N PHE D 19 10.33 -14.74 -5.90
CA PHE D 19 11.34 -14.99 -4.88
C PHE D 19 10.87 -16.20 -4.07
N ALA D 20 11.79 -16.99 -3.56
CA ALA D 20 11.44 -18.17 -2.74
C ALA D 20 12.07 -18.06 -1.35
N ASN D 21 11.32 -18.49 -0.32
CA ASN D 21 11.79 -18.53 1.10
C ASN D 21 11.10 -19.70 1.83
N SER D 22 11.55 -20.90 1.56
CA SER D 22 10.90 -22.11 2.07
C SER D 22 11.77 -23.34 1.84
N SER D 23 11.59 -24.35 2.68
N SER D 23 11.58 -24.38 2.66
CA SER D 23 12.23 -25.68 2.45
CA SER D 23 12.23 -25.70 2.42
C SER D 23 11.63 -26.33 1.19
C SER D 23 11.63 -26.33 1.16
N GLY D 24 10.40 -25.98 0.83
CA GLY D 24 9.71 -26.61 -0.32
C GLY D 24 9.96 -25.90 -1.64
N THR D 25 10.11 -26.66 -2.71
CA THR D 25 10.22 -26.15 -4.12
C THR D 25 8.93 -25.40 -4.45
N GLN D 26 9.06 -24.15 -4.83
CA GLN D 26 7.91 -23.30 -5.22
C GLN D 26 7.74 -23.41 -6.74
N THR D 27 6.49 -23.49 -7.16
CA THR D 27 6.09 -23.35 -8.56
C THR D 27 5.20 -22.13 -8.64
N VAL D 28 5.61 -21.16 -9.44
CA VAL D 28 4.83 -19.91 -9.61
C VAL D 28 4.38 -19.87 -11.05
N ASN D 29 3.07 -19.82 -11.25
CA ASN D 29 2.45 -19.69 -12.57
C ASN D 29 1.85 -18.30 -12.69
N VAL D 30 2.11 -17.64 -13.81
CA VAL D 30 1.57 -16.31 -14.08
C VAL D 30 0.66 -16.47 -15.30
N LEU D 31 -0.62 -16.18 -15.09
CA LEU D 31 -1.65 -16.33 -16.13
C LEU D 31 -2.01 -14.94 -16.64
N VAL D 32 -2.22 -14.78 -17.93
CA VAL D 32 -2.74 -13.56 -18.57
C VAL D 32 -3.98 -14.03 -19.36
N ASN D 33 -5.11 -13.39 -19.09
CA ASN D 33 -6.42 -13.83 -19.69
C ASN D 33 -6.64 -15.30 -19.41
N ASN D 34 -6.30 -15.78 -18.20
CA ASN D 34 -6.57 -17.18 -17.83
C ASN D 34 -5.67 -18.15 -18.60
N GLU D 35 -4.58 -17.73 -19.23
CA GLU D 35 -3.67 -18.59 -19.97
C GLU D 35 -2.27 -18.51 -19.34
N THR D 36 -1.62 -19.63 -19.10
CA THR D 36 -0.28 -19.63 -18.49
C THR D 36 0.65 -18.87 -19.41
N ALA D 37 1.32 -17.84 -18.91
CA ALA D 37 2.26 -17.05 -19.75
C ALA D 37 3.69 -17.17 -19.21
N ALA D 38 3.90 -17.46 -17.91
CA ALA D 38 5.24 -17.71 -17.38
C ALA D 38 5.13 -18.70 -16.22
N THR D 39 6.15 -19.54 -16.07
N THR D 39 6.11 -19.59 -16.10
CA THR D 39 6.24 -20.49 -14.94
CA THR D 39 6.26 -20.46 -14.94
C THR D 39 7.68 -20.47 -14.41
C THR D 39 7.68 -20.35 -14.42
N PHE D 40 7.82 -20.33 -13.09
CA PHE D 40 9.14 -20.32 -12.46
C PHE D 40 9.11 -21.40 -11.41
N SER D 41 10.24 -22.15 -11.25
CA SER D 41 10.29 -23.14 -10.15
C SER D 41 11.63 -23.04 -9.44
N GLY D 42 11.65 -23.32 -8.13
CA GLY D 42 12.94 -23.34 -7.43
C GLY D 42 12.76 -23.42 -5.96
N GLN D 43 13.85 -23.74 -5.30
CA GLN D 43 13.87 -23.86 -3.85
C GLN D 43 14.95 -22.96 -3.29
N SER D 44 14.58 -22.13 -2.34
CA SER D 44 15.53 -21.23 -1.63
C SER D 44 14.97 -20.92 -0.26
N THR D 45 15.81 -20.79 0.75
CA THR D 45 15.52 -20.10 2.02
C THR D 45 16.21 -18.77 2.12
N ASN D 46 16.62 -18.16 0.99
CA ASN D 46 17.40 -16.90 1.04
C ASN D 46 16.99 -15.98 -0.11
N ASN D 47 15.71 -16.05 -0.51
CA ASN D 47 15.07 -15.02 -1.36
C ASN D 47 15.68 -15.07 -2.73
N ALA D 48 16.09 -16.25 -3.23
CA ALA D 48 16.49 -16.36 -4.64
C ALA D 48 15.42 -15.80 -5.55
N VAL D 49 15.87 -15.16 -6.65
CA VAL D 49 14.96 -14.82 -7.74
C VAL D 49 14.80 -16.05 -8.62
N ILE D 50 13.73 -16.80 -8.40
CA ILE D 50 13.52 -18.08 -9.12
C ILE D 50 13.09 -17.76 -10.55
N GLY D 51 12.64 -16.55 -10.82
CA GLY D 51 12.50 -16.11 -12.20
C GLY D 51 12.00 -14.70 -12.31
N THR D 52 12.24 -14.12 -13.46
CA THR D 52 11.74 -12.77 -13.83
C THR D 52 11.46 -12.77 -15.32
N GLN D 53 10.38 -12.10 -15.71
CA GLN D 53 9.95 -12.05 -17.10
C GLN D 53 9.27 -10.71 -17.37
N VAL D 54 9.23 -10.34 -18.64
CA VAL D 54 8.36 -9.28 -19.16
C VAL D 54 7.25 -9.89 -19.99
N LEU D 55 6.00 -9.59 -19.66
CA LEU D 55 4.79 -10.11 -20.29
C LEU D 55 3.97 -8.94 -20.78
N ASN D 56 2.98 -9.24 -21.61
CA ASN D 56 2.00 -8.25 -22.08
C ASN D 56 0.64 -8.61 -21.53
N SER D 57 -0.02 -7.62 -20.93
CA SER D 57 -1.31 -7.77 -20.23
C SER D 57 -2.43 -8.15 -21.22
N GLY D 58 -2.21 -7.95 -22.52
CA GLY D 58 -3.15 -8.41 -23.57
C GLY D 58 -4.47 -7.64 -23.56
N SER D 59 -5.47 -8.14 -24.30
CA SER D 59 -6.71 -7.36 -24.55
C SER D 59 -7.56 -7.25 -23.27
N SER D 60 -7.48 -8.19 -22.34
CA SER D 60 -8.32 -8.18 -21.10
C SER D 60 -7.64 -7.38 -19.97
N GLY D 61 -6.32 -7.36 -19.93
CA GLY D 61 -5.57 -6.80 -18.80
C GLY D 61 -5.60 -7.70 -17.58
N LYS D 62 -6.17 -8.89 -17.64
CA LYS D 62 -6.35 -9.74 -16.44
C LYS D 62 -5.07 -10.52 -16.17
N VAL D 63 -4.46 -10.35 -14.99
CA VAL D 63 -3.23 -11.09 -14.64
C VAL D 63 -3.51 -11.83 -13.34
N GLN D 64 -3.14 -13.09 -13.28
CA GLN D 64 -3.34 -13.88 -12.06
C GLN D 64 -2.01 -14.58 -11.73
N VAL D 65 -1.72 -14.64 -10.43
CA VAL D 65 -0.57 -15.39 -9.92
C VAL D 65 -1.12 -16.61 -9.17
N GLN D 66 -0.55 -17.77 -9.42
CA GLN D 66 -0.85 -19.02 -8.70
C GLN D 66 0.47 -19.58 -8.16
N VAL D 67 0.45 -20.09 -6.97
CA VAL D 67 1.63 -20.70 -6.34
C VAL D 67 1.26 -22.09 -5.84
N SER D 68 2.12 -23.06 -6.11
CA SER D 68 1.94 -24.41 -5.56
C SER D 68 3.26 -25.06 -5.21
N VAL D 69 3.17 -26.02 -4.29
CA VAL D 69 4.38 -26.70 -3.75
C VAL D 69 4.04 -28.21 -3.83
N ASN D 70 4.73 -28.88 -4.73
CA ASN D 70 4.46 -30.26 -5.23
C ASN D 70 2.94 -30.47 -5.39
N GLY D 71 2.36 -29.61 -6.19
CA GLY D 71 0.96 -29.71 -6.63
C GLY D 71 -0.04 -29.23 -5.58
N ARG D 72 0.37 -28.88 -4.34
CA ARG D 72 -0.58 -28.32 -3.33
C ARG D 72 -0.64 -26.79 -3.50
N PRO D 73 -1.80 -26.19 -3.76
CA PRO D 73 -1.95 -24.73 -3.84
C PRO D 73 -1.61 -24.05 -2.54
N SER D 74 -0.78 -23.01 -2.62
CA SER D 74 -0.46 -22.19 -1.43
C SER D 74 -1.58 -21.18 -1.22
N ASP D 75 -1.73 -20.74 0.01
CA ASP D 75 -2.69 -19.65 0.35
C ASP D 75 -2.07 -18.32 -0.05
N LEU D 76 -2.81 -17.42 -0.74
CA LEU D 76 -2.21 -16.18 -1.23
C LEU D 76 -2.71 -14.97 -0.43
N VAL D 77 -1.89 -13.92 -0.42
N VAL D 77 -1.90 -13.91 -0.47
CA VAL D 77 -2.27 -12.57 0.02
CA VAL D 77 -2.25 -12.56 0.01
C VAL D 77 -1.79 -11.61 -1.05
C VAL D 77 -1.74 -11.58 -1.02
N SER D 78 -2.52 -10.54 -1.30
CA SER D 78 -2.13 -9.61 -2.36
C SER D 78 -2.66 -8.20 -2.10
N ALA D 79 -2.04 -7.26 -2.79
CA ALA D 79 -2.52 -5.87 -2.90
C ALA D 79 -1.82 -5.18 -4.05
N GLN D 80 -2.36 -4.07 -4.50
CA GLN D 80 -1.72 -3.20 -5.53
C GLN D 80 -1.50 -1.84 -4.88
N VAL D 81 -0.35 -1.25 -5.17
N VAL D 81 -0.34 -1.24 -5.13
CA VAL D 81 0.07 0.08 -4.65
CA VAL D 81 -0.01 0.13 -4.66
C VAL D 81 0.50 0.93 -5.83
C VAL D 81 0.44 0.94 -5.87
N ILE D 82 0.07 2.20 -5.84
CA ILE D 82 0.45 3.14 -6.90
C ILE D 82 1.12 4.34 -6.27
N LEU D 83 2.29 4.63 -6.74
CA LEU D 83 3.10 5.80 -6.30
C LEU D 83 3.07 6.89 -7.37
N THR D 84 2.90 8.11 -6.87
CA THR D 84 2.85 9.38 -7.65
C THR D 84 1.92 9.20 -8.83
N ASN D 85 0.81 8.46 -8.62
CA ASN D 85 -0.26 8.31 -9.61
C ASN D 85 0.26 7.69 -10.92
N GLU D 86 1.40 7.02 -10.91
CA GLU D 86 2.04 6.58 -12.20
C GLU D 86 2.67 5.18 -12.08
N LEU D 87 3.29 4.85 -10.96
CA LEU D 87 4.15 3.67 -10.83
C LEU D 87 3.37 2.61 -10.02
N ASN D 88 3.13 1.46 -10.67
CA ASN D 88 2.25 0.41 -10.12
C ASN D 88 3.06 -0.82 -9.67
N PHE D 89 2.70 -1.33 -8.50
CA PHE D 89 3.19 -2.61 -7.96
C PHE D 89 1.99 -3.47 -7.63
N ALA D 90 1.96 -4.70 -8.10
CA ALA D 90 0.99 -5.70 -7.67
C ALA D 90 1.79 -6.75 -6.91
N LEU D 91 1.43 -6.98 -5.66
CA LEU D 91 2.28 -7.73 -4.71
C LEU D 91 1.56 -9.00 -4.30
N VAL D 92 2.26 -10.08 -4.24
CA VAL D 92 1.67 -11.37 -3.76
C VAL D 92 2.59 -12.01 -2.76
N GLY D 93 2.04 -12.44 -1.67
CA GLY D 93 2.72 -13.39 -0.82
C GLY D 93 2.00 -14.73 -0.77
N SER D 94 2.69 -15.78 -0.30
CA SER D 94 2.04 -17.12 -0.35
C SER D 94 2.56 -17.92 0.86
N GLU D 95 1.72 -18.78 1.36
CA GLU D 95 2.00 -19.68 2.49
C GLU D 95 1.77 -21.14 2.12
N ASP D 96 2.81 -21.94 2.33
CA ASP D 96 2.82 -23.37 1.96
C ASP D 96 2.69 -24.24 3.20
N GLY D 97 2.67 -23.68 4.39
CA GLY D 97 2.79 -24.43 5.65
C GLY D 97 1.89 -23.87 6.75
N THR D 98 2.42 -23.81 7.94
CA THR D 98 1.65 -23.44 9.15
C THR D 98 2.22 -22.20 9.85
N ASP D 99 3.40 -21.68 9.49
CA ASP D 99 4.00 -20.59 10.25
C ASP D 99 3.42 -19.25 9.88
N ASN D 100 2.78 -19.11 8.73
CA ASN D 100 2.12 -17.87 8.29
C ASN D 100 3.15 -16.72 8.19
N ASP D 101 4.33 -16.98 7.67
CA ASP D 101 5.25 -15.88 7.28
C ASP D 101 4.84 -15.33 5.90
N TYR D 102 4.09 -16.10 5.09
CA TYR D 102 3.55 -15.67 3.77
C TYR D 102 4.68 -15.17 2.86
N ASN D 103 5.89 -15.70 3.03
CA ASN D 103 7.04 -15.33 2.17
C ASN D 103 7.50 -16.52 1.32
N ASP D 104 6.74 -17.62 1.30
CA ASP D 104 7.31 -18.90 0.81
C ASP D 104 7.58 -18.80 -0.69
N ALA D 105 6.67 -18.16 -1.38
CA ALA D 105 6.92 -17.53 -2.68
C ALA D 105 6.39 -16.11 -2.56
N VAL D 106 7.19 -15.16 -2.99
CA VAL D 106 6.82 -13.72 -3.08
C VAL D 106 6.86 -13.31 -4.55
N VAL D 107 5.80 -12.67 -5.03
CA VAL D 107 5.75 -12.27 -6.46
C VAL D 107 5.51 -10.77 -6.51
N VAL D 108 6.30 -10.08 -7.34
CA VAL D 108 6.15 -8.63 -7.55
C VAL D 108 5.92 -8.41 -9.04
N ILE D 109 4.85 -7.73 -9.34
CA ILE D 109 4.52 -7.26 -10.71
C ILE D 109 4.69 -5.73 -10.70
N ASN D 110 5.31 -5.21 -11.74
CA ASN D 110 5.53 -3.74 -11.84
C ASN D 110 5.26 -3.26 -13.24
N TRP D 111 4.63 -2.09 -13.33
CA TRP D 111 4.43 -1.44 -14.66
C TRP D 111 4.28 0.05 -14.36
N PRO D 112 4.43 0.96 -15.35
CA PRO D 112 4.85 0.61 -16.68
C PRO D 112 6.34 0.33 -16.76
N LEU D 113 6.74 -0.26 -17.89
CA LEU D 113 8.16 -0.51 -18.21
C LEU D 113 8.68 0.50 -19.23
N GLY D 114 9.97 0.44 -19.50
CA GLY D 114 10.62 1.22 -20.57
C GLY D 114 11.07 2.59 -20.10
C1 NAG E . 17.77 11.40 -21.43
C2 NAG E . 16.69 10.68 -20.54
C3 NAG E . 15.97 9.59 -21.36
C4 NAG E . 15.54 10.04 -22.78
C5 NAG E . 16.76 10.62 -23.51
C6 NAG E . 16.43 11.15 -24.89
C7 NAG E . 18.39 9.42 -19.24
C8 NAG E . 19.24 9.51 -18.01
N2 NAG E . 17.24 10.15 -19.29
O1 NAG E . 18.24 12.54 -20.73
O3 NAG E . 14.76 9.19 -20.63
O4 NAG E . 14.95 8.97 -23.55
O5 NAG E . 17.23 11.75 -22.73
O6 NAG E . 15.42 12.18 -24.78
O7 NAG E . 18.74 8.70 -20.18
C1 FUC E . 15.01 8.02 -19.87
C2 FUC E . 13.86 7.82 -18.86
C3 FUC E . 12.56 7.56 -19.59
C4 FUC E . 12.76 6.43 -20.61
C5 FUC E . 13.93 6.71 -21.56
C6 FUC E . 14.24 5.57 -22.51
O2 FUC E . 13.73 8.93 -17.97
O3 FUC E . 11.44 7.29 -18.70
O4 FUC E . 12.96 5.20 -19.90
O5 FUC E . 15.16 6.95 -20.80
C1 GAL E . 13.69 9.23 -24.19
C2 GAL E . 13.45 8.15 -25.27
C3 GAL E . 12.04 8.31 -25.92
C4 GAL E . 10.96 8.37 -24.85
C5 GAL E . 11.29 9.53 -23.91
C6 GAL E . 10.31 9.74 -22.80
O2 GAL E . 14.52 8.30 -26.20
O3 GAL E . 11.72 7.23 -26.79
O4 GAL E . 10.93 7.10 -24.18
O5 GAL E . 12.57 9.28 -23.27
O6 GAL E . 10.91 10.65 -21.85
C1 NAG F . 6.15 -28.00 6.15
C2 NAG F . 6.63 -26.61 5.74
C3 NAG F . 8.04 -26.20 6.18
C4 NAG F . 8.36 -26.68 7.60
C5 NAG F . 8.00 -28.18 7.74
C6 NAG F . 8.18 -28.66 9.16
C7 NAG F . 7.05 -27.01 3.34
C8 NAG F . 6.44 -26.89 1.97
N2 NAG F . 6.40 -26.43 4.31
O1 NAG F . 4.71 -27.96 6.00
O3 NAG F . 8.06 -24.75 6.27
O4 NAG F . 9.74 -26.38 7.81
O5 NAG F . 6.58 -28.33 7.49
O6 NAG F . 7.11 -28.01 9.93
O7 NAG F . 8.14 -27.50 3.56
C1 FUC F . 8.43 -24.07 5.08
C2 FUC F . 7.88 -22.66 5.12
C3 FUC F . 8.44 -21.88 6.33
C4 FUC F . 9.97 -21.87 6.32
C5 FUC F . 10.50 -23.32 6.17
C6 FUC F . 12.00 -23.37 5.96
O2 FUC F . 6.45 -22.67 5.22
O3 FUC F . 7.94 -20.49 6.29
O4 FUC F . 10.37 -21.05 5.21
O5 FUC F . 9.89 -24.03 5.06
C1 GAL F . 10.02 -25.79 9.04
C2 GAL F . 11.52 -25.61 9.21
C3 GAL F . 11.81 -24.91 10.52
C4 GAL F . 11.08 -23.55 10.62
C5 GAL F . 9.61 -23.89 10.51
C6 GAL F . 8.61 -22.76 10.63
O2 GAL F . 12.22 -26.87 9.15
O3 GAL F . 13.20 -24.75 10.63
O4 GAL F . 11.54 -22.70 9.57
O5 GAL F . 9.39 -24.53 9.18
O6 GAL F . 7.28 -23.38 10.39
C1 NAG G . -27.84 -9.33 0.78
C2 NAG G . -26.81 -8.15 0.68
C3 NAG G . -27.36 -6.90 -0.04
C4 NAG G . -28.22 -7.23 -1.23
C5 NAG G . -29.32 -8.22 -0.82
C6 NAG G . -30.24 -8.56 -1.96
C7 NAG G . -27.09 -7.37 2.99
C8 NAG G . -26.44 -7.19 4.31
N2 NAG G . -26.32 -7.88 2.01
O1 NAG G . -27.05 -10.52 0.96
O3 NAG G . -26.24 -6.13 -0.56
O4 NAG G . -28.75 -5.97 -1.68
O5 NAG G . -28.65 -9.44 -0.42
O6 NAG G . -29.47 -8.83 -3.13
O7 NAG G . -28.25 -7.04 2.80
C1 FUC G . -25.67 -5.09 0.25
C2 FUC G . -24.20 -4.93 -0.11
C3 FUC G . -24.03 -4.41 -1.51
C4 FUC G . -24.83 -3.11 -1.68
C5 FUC G . -26.29 -3.31 -1.22
C6 FUC G . -27.12 -2.04 -1.22
O2 FUC G . -23.50 -6.15 0.02
O3 FUC G . -22.67 -4.14 -1.85
O4 FUC G . -24.20 -2.05 -0.91
O5 FUC G . -26.34 -3.84 0.12
C1 GAL G . -28.63 -5.80 -3.08
C2 GAL G . -29.47 -4.61 -3.43
C3 GAL G . -29.33 -4.22 -4.91
C4 GAL G . -27.87 -4.17 -5.39
C5 GAL G . -27.21 -5.46 -5.00
C6 GAL G . -25.78 -5.59 -5.41
O2 GAL G . -30.81 -4.97 -3.11
O3 GAL G . -29.96 -2.96 -5.05
O4 GAL G . -27.17 -3.06 -4.82
O5 GAL G . -27.28 -5.68 -3.53
O6 GAL G . -25.38 -6.94 -5.02
C1 NAG H . 5.00 25.07 14.32
C2 NAG H . 4.15 23.80 14.21
C3 NAG H . 3.66 23.23 15.56
C4 NAG H . 4.67 23.39 16.70
C5 NAG H . 5.06 24.87 16.74
C6 NAG H . 5.96 25.19 17.93
C7 NAG H . 1.99 24.79 13.40
C8 NAG H . 1.18 24.99 12.15
N2 NAG H . 3.07 24.03 13.24
O1 NAG H . 5.82 25.10 13.12
O3 NAG H . 3.49 21.81 15.40
O4 NAG H . 4.04 22.99 17.95
O5 NAG H . 5.81 25.11 15.53
O6 NAG H . 7.19 24.36 17.90
O7 NAG H . 1.65 25.25 14.49
C1 FUC H . 2.19 21.34 14.95
C2 FUC H . 2.40 20.01 14.22
C3 FUC H . 2.90 18.95 15.13
C4 FUC H . 2.05 18.80 16.35
C5 FUC H . 1.85 20.18 17.03
C6 FUC H . 0.93 20.12 18.21
O2 FUC H . 3.19 20.16 13.04
O3 FUC H . 2.99 17.68 14.43
O4 FUC H . 0.76 18.20 15.95
O5 FUC H . 1.32 21.13 16.08
C1 GAL H . 4.78 22.11 18.76
C2 GAL H . 4.02 21.80 20.04
C3 GAL H . 4.71 20.66 20.84
C4 GAL H . 5.24 19.52 19.94
C5 GAL H . 6.01 20.08 18.77
C6 GAL H . 6.56 19.08 17.77
O2 GAL H . 3.89 23.05 20.71
O3 GAL H . 3.80 20.05 21.72
O4 GAL H . 4.18 18.73 19.38
O5 GAL H . 5.09 20.91 18.05
O6 GAL H . 7.23 19.87 16.68
CA CA I . 11.63 4.96 -17.76
CA CA J . 11.69 8.48 -16.52
S SO4 K . 16.36 -13.41 10.15
O1 SO4 K . 16.42 -13.68 11.56
O2 SO4 K . 16.75 -14.60 9.46
O3 SO4 K . 15.03 -13.02 9.81
O4 SO4 K . 17.17 -12.32 9.79
C1 EDO L . 27.14 -3.60 16.45
O1 EDO L . 26.17 -2.54 16.21
C2 EDO L . 26.47 -4.94 16.38
O2 EDO L . 27.35 -6.10 16.48
CA CA M . 9.04 -19.06 4.63
CA CA N . -21.68 -2.13 -0.76
CA CA O . -21.14 -5.85 -0.82
C1 EDO P . -26.62 7.59 4.88
O1 EDO P . -26.34 8.98 5.06
C2 EDO P . -27.81 7.30 4.08
O2 EDO P . -27.75 6.12 3.28
C1 EDO Q . -2.83 -4.08 28.46
O1 EDO Q . -2.51 -2.72 28.18
C2 EDO Q . -4.08 -4.45 27.80
O2 EDO Q . -4.28 -3.74 26.59
CA CA R . 0.86 16.52 14.09
CA CA S . 3.63 17.94 12.02
C1 EDO T . -15.93 17.50 -13.77
O1 EDO T . -14.86 18.28 -13.35
C2 EDO T . -16.17 17.38 -15.22
O2 EDO T . -17.25 16.43 -15.51
C1 EDO U . -18.06 17.37 -9.19
O1 EDO U . -17.75 18.75 -9.20
C2 EDO U . -17.92 16.95 -7.75
O2 EDO U . -19.08 16.37 -7.04
CA CA V . 5.63 -20.31 5.46
S SO4 W . 19.99 -19.69 -3.03
O1 SO4 W . 20.00 -18.82 -1.90
O2 SO4 W . 21.16 -20.57 -3.01
O3 SO4 W . 18.77 -20.48 -2.93
O4 SO4 W . 20.01 -18.90 -4.18
C1 EDO X . 18.97 -22.85 -0.34
O1 EDO X . 18.67 -21.46 -0.05
C2 EDO X . 18.92 -23.81 0.86
O2 EDO X . 17.63 -23.84 1.60
C1 EDO Y . 7.97 -17.87 -20.62
O1 EDO Y . 7.47 -16.66 -19.91
C2 EDO Y . 8.35 -19.02 -19.73
O2 EDO Y . 7.27 -19.74 -19.01
C1 EDO Z . -5.64 -21.61 0.28
O1 EDO Z . -4.94 -22.86 0.49
C2 EDO Z . -6.25 -21.31 -1.05
O2 EDO Z . -5.52 -21.90 -2.17
#